data_3MI8
#
_entry.id   3MI8
#
_cell.length_a   161.080
_cell.length_b   161.080
_cell.length_c   161.080
_cell.angle_alpha   90.00
_cell.angle_beta   90.00
_cell.angle_gamma   90.00
#
_symmetry.space_group_name_H-M   'P 43 3 2'
#
loop_
_entity.id
_entity.type
_entity.pdbx_description
1 polymer 'TUMOR NECROSIS FACTOR LIGAND SUPERFAMILY MEMBER 15, SECRETED FORM'
2 polymer 'Tumor necrosis factor receptor superfamily member 6B'
3 water water
#
loop_
_entity_poly.entity_id
_entity_poly.type
_entity_poly.pdbx_seq_one_letter_code
_entity_poly.pdbx_strand_id
1 'polypeptide(L)'
;GSHMLKGQEFAPSHQQVYAPLRADGDKPRAHLTVVRQTPTQHFKNQFPALHWEHELGLAFTKNRMNYTNKFLLIPESGDY
FIYSQVTFRGMTSECSEIRQAGRPNKPDSITVVITKVTDSYPEPTQLLMGTKSVSEVGSNWFQPIYLGAMFSLQEGDKLM
VNVSDISLVDYTKEDKTFFGAFLL
;
A
2 'polypeptide(L)'
;RSVAETPTYPWRDAETGERLVCAQCPPGTFVQRPCRRDSPTTCGPCPPRHYTQFWNYLERCRYCNVLCGEREEEARACHA
THNRACRCRTGFFAHAGFCLEHASCPPGAGVIAPGTPSQNTQCQPCPPGTFSASSSSSEQCQPHRNCTALGLALNVPGSS
SHDTLCTSTGHHHHHH
;
D
#
# COMPACT_ATOMS: atom_id res chain seq x y z
N ASP A 26 -8.47 6.90 26.31
CA ASP A 26 -7.99 5.51 26.04
C ASP A 26 -7.36 5.40 24.64
N LYS A 27 -7.29 4.19 24.09
CA LYS A 27 -6.50 3.87 22.90
C LYS A 27 -7.31 3.90 21.60
N PRO A 28 -6.73 4.45 20.52
CA PRO A 28 -7.37 4.53 19.20
C PRO A 28 -7.77 3.17 18.66
N ARG A 29 -9.05 3.00 18.36
CA ARG A 29 -9.62 1.73 17.90
C ARG A 29 -10.69 1.99 16.87
N ALA A 30 -10.74 1.14 15.86
CA ALA A 30 -11.78 1.20 14.85
C ALA A 30 -12.02 -0.19 14.33
N HIS A 31 -13.30 -0.57 14.26
CA HIS A 31 -13.73 -1.68 13.43
C HIS A 31 -14.73 -1.14 12.44
N LEU A 32 -14.44 -1.32 11.15
CA LEU A 32 -15.27 -0.80 10.06
C LEU A 32 -15.90 -1.93 9.27
N THR A 33 -17.11 -1.69 8.75
CA THR A 33 -17.86 -2.72 8.02
C THR A 33 -18.12 -2.28 6.59
N VAL A 34 -18.41 -3.24 5.70
CA VAL A 34 -18.60 -2.95 4.28
C VAL A 34 -19.90 -2.19 4.00
N VAL A 35 -19.89 -1.40 2.92
CA VAL A 35 -21.10 -0.79 2.38
C VAL A 35 -21.13 -1.08 0.89
N ARG A 36 -22.21 -0.66 0.22
CA ARG A 36 -22.28 -0.71 -1.23
C ARG A 36 -21.17 0.14 -1.81
N GLN A 37 -20.48 -0.37 -2.82
CA GLN A 37 -19.35 0.34 -3.39
C GLN A 37 -19.78 1.14 -4.61
N THR A 38 -19.42 2.42 -4.60
CA THR A 38 -19.76 3.33 -5.71
C THR A 38 -18.63 3.21 -6.76
N PRO A 39 -18.90 2.49 -7.88
CA PRO A 39 -17.83 2.10 -8.81
C PRO A 39 -17.19 3.29 -9.52
N THR A 40 -15.97 3.63 -9.10
CA THR A 40 -15.21 4.75 -9.66
C THR A 40 -14.68 4.46 -11.07
N GLN A 41 -14.45 5.50 -11.85
CA GLN A 41 -13.96 5.37 -13.23
C GLN A 41 -12.43 5.44 -13.34
N HIS A 42 -11.80 6.09 -12.37
CA HIS A 42 -10.35 6.27 -12.36
C HIS A 42 -9.59 5.06 -11.78
N PHE A 43 -9.14 4.18 -12.66
CA PHE A 43 -8.35 3.00 -12.29
C PHE A 43 -7.46 2.56 -13.47
N LYS A 44 -6.28 3.19 -13.58
CA LYS A 44 -5.32 2.88 -14.65
C LYS A 44 -4.42 1.70 -14.24
N ASN A 45 -4.91 0.49 -14.54
CA ASN A 45 -4.38 -0.80 -14.03
C ASN A 45 -4.27 -0.85 -12.49
N GLN A 46 -5.20 -0.15 -11.84
CA GLN A 46 -5.10 0.20 -10.42
C GLN A 46 -6.09 -0.54 -9.54
N PHE A 47 -5.66 -0.79 -8.30
CA PHE A 47 -6.50 -1.41 -7.29
C PHE A 47 -7.27 -0.33 -6.52
N PRO A 48 -8.59 -0.25 -6.72
CA PRO A 48 -9.35 0.78 -6.00
C PRO A 48 -9.47 0.49 -4.50
N ALA A 49 -9.60 1.55 -3.71
CA ALA A 49 -9.88 1.43 -2.28
C ALA A 49 -11.36 1.16 -2.04
N LEU A 50 -11.69 0.64 -0.86
CA LEU A 50 -13.08 0.37 -0.51
C LEU A 50 -13.64 1.45 0.37
N HIS A 51 -14.95 1.67 0.27
CA HIS A 51 -15.69 2.53 1.19
C HIS A 51 -16.20 1.71 2.37
N TRP A 52 -16.12 2.27 3.57
CA TRP A 52 -16.56 1.57 4.77
C TRP A 52 -17.63 2.31 5.57
N GLU A 53 -18.44 1.54 6.29
CA GLU A 53 -19.29 2.07 7.35
C GLU A 53 -18.44 2.25 8.61
N HIS A 54 -18.71 3.31 9.37
CA HIS A 54 -17.86 3.68 10.50
C HIS A 54 -18.60 3.90 11.82
N GLU A 55 -19.93 3.78 11.82
CA GLU A 55 -20.71 4.04 13.04
C GLU A 55 -22.00 3.22 13.24
N LEU A 56 -22.48 2.58 12.18
CA LEU A 56 -23.72 1.81 12.28
C LEU A 56 -23.48 0.33 12.40
N GLY A 57 -24.35 -0.35 13.15
CA GLY A 57 -24.22 -1.79 13.42
C GLY A 57 -22.96 -2.08 14.20
N LEU A 58 -22.17 -3.02 13.69
CA LEU A 58 -20.93 -3.44 14.34
C LEU A 58 -19.77 -2.47 14.12
N ALA A 59 -19.97 -1.47 13.26
CA ALA A 59 -18.93 -0.50 12.98
C ALA A 59 -18.82 0.55 14.07
N PHE A 60 -17.59 0.83 14.48
CA PHE A 60 -17.32 1.91 15.41
C PHE A 60 -15.91 2.45 15.17
N THR A 61 -15.70 3.69 15.59
CA THR A 61 -14.38 4.29 15.71
C THR A 61 -14.37 5.03 17.05
N LYS A 62 -13.25 5.03 17.75
CA LYS A 62 -13.16 5.73 19.02
C LYS A 62 -11.76 6.26 19.27
N ASN A 63 -11.66 7.17 20.24
CA ASN A 63 -10.40 7.73 20.73
C ASN A 63 -9.51 8.32 19.64
N ARG A 64 -10.12 9.18 18.84
CA ARG A 64 -9.45 9.97 17.78
C ARG A 64 -9.07 9.20 16.52
N MET A 65 -9.38 7.91 16.49
CA MET A 65 -9.19 7.12 15.28
C MET A 65 -10.33 7.44 14.31
N ASN A 66 -10.07 8.28 13.31
CA ASN A 66 -11.15 8.75 12.45
C ASN A 66 -11.21 8.09 11.09
N TYR A 67 -12.43 7.82 10.62
CA TYR A 67 -12.62 7.36 9.25
C TYR A 67 -13.18 8.48 8.39
N THR A 68 -12.44 8.82 7.34
CA THR A 68 -12.92 9.76 6.32
C THR A 68 -12.48 9.27 4.95
N ASN A 69 -13.41 9.25 4.00
CA ASN A 69 -13.08 9.13 2.58
C ASN A 69 -12.14 7.98 2.23
N LYS A 70 -12.52 6.76 2.64
CA LYS A 70 -11.76 5.51 2.39
C LYS A 70 -10.53 5.27 3.29
N PHE A 71 -10.12 6.29 4.06
CA PHE A 71 -8.94 6.18 4.91
C PHE A 71 -9.30 6.07 6.38
N LEU A 72 -8.41 5.44 7.13
CA LEU A 72 -8.45 5.48 8.57
C LEU A 72 -7.25 6.33 8.99
N LEU A 73 -7.52 7.44 9.69
CA LEU A 73 -6.49 8.40 10.07
C LEU A 73 -5.86 8.00 11.40
N ILE A 74 -4.55 7.82 11.40
CA ILE A 74 -3.82 7.46 12.62
C ILE A 74 -3.57 8.71 13.45
N PRO A 75 -4.11 8.75 14.69
CA PRO A 75 -3.99 9.96 15.52
C PRO A 75 -2.74 10.02 16.38
N GLU A 76 -2.06 8.89 16.54
CA GLU A 76 -1.05 8.73 17.58
C GLU A 76 -0.04 7.69 17.12
N SER A 77 1.24 8.04 17.19
CA SER A 77 2.29 7.14 16.70
C SER A 77 2.47 5.98 17.67
N GLY A 78 2.67 4.78 17.11
CA GLY A 78 2.78 3.58 17.91
C GLY A 78 2.60 2.31 17.10
N ASP A 79 2.48 1.18 17.81
CA ASP A 79 2.33 -0.11 17.16
C ASP A 79 0.86 -0.50 17.10
N TYR A 80 0.39 -0.78 15.89
CA TYR A 80 -1.02 -1.07 15.67
C TYR A 80 -1.21 -2.46 15.12
N PHE A 81 -2.21 -3.17 15.63
CA PHE A 81 -2.66 -4.35 14.92
C PHE A 81 -3.73 -3.95 13.91
N ILE A 82 -3.54 -4.36 12.67
CA ILE A 82 -4.39 -3.97 11.56
C ILE A 82 -4.89 -5.25 10.93
N TYR A 83 -6.18 -5.29 10.59
CA TYR A 83 -6.77 -6.49 9.99
C TYR A 83 -7.85 -6.15 8.98
N SER A 84 -8.09 -7.06 8.04
CA SER A 84 -9.25 -6.98 7.16
C SER A 84 -9.63 -8.34 6.58
N GLN A 85 -10.93 -8.53 6.37
CA GLN A 85 -11.41 -9.60 5.50
C GLN A 85 -12.21 -8.97 4.39
N VAL A 86 -12.00 -9.47 3.18
CA VAL A 86 -12.86 -9.13 2.05
C VAL A 86 -13.35 -10.46 1.49
N THR A 87 -14.67 -10.64 1.48
CA THR A 87 -15.27 -11.80 0.84
C THR A 87 -15.49 -11.48 -0.64
N PHE A 88 -15.01 -12.37 -1.50
CA PHE A 88 -15.19 -12.23 -2.92
C PHE A 88 -16.24 -13.21 -3.39
N ARG A 89 -17.10 -12.78 -4.30
CA ARG A 89 -18.00 -13.68 -5.02
C ARG A 89 -18.01 -13.35 -6.50
N GLY A 90 -17.80 -14.37 -7.32
CA GLY A 90 -17.89 -14.24 -8.77
C GLY A 90 -19.07 -15.02 -9.29
N MET A 91 -19.99 -14.32 -9.95
CA MET A 91 -21.17 -14.96 -10.54
C MET A 91 -21.06 -15.03 -12.06
N PRO A 107 -11.63 -13.50 -14.59
CA PRO A 107 -10.86 -13.26 -13.37
C PRO A 107 -9.80 -14.33 -13.10
N ASP A 108 -8.54 -13.95 -13.20
CA ASP A 108 -7.42 -14.87 -12.94
C ASP A 108 -7.24 -15.07 -11.45
N SER A 109 -7.30 -13.98 -10.70
CA SER A 109 -7.04 -14.01 -9.27
C SER A 109 -7.87 -12.99 -8.50
N ILE A 110 -7.80 -13.07 -7.18
CA ILE A 110 -8.39 -12.06 -6.32
C ILE A 110 -7.33 -11.59 -5.32
N THR A 111 -7.31 -10.29 -5.04
CA THR A 111 -6.29 -9.71 -4.17
C THR A 111 -6.84 -8.65 -3.21
N VAL A 112 -6.39 -8.72 -1.96
CA VAL A 112 -6.61 -7.65 -0.99
C VAL A 112 -5.24 -7.08 -0.64
N VAL A 113 -5.14 -5.76 -0.56
CA VAL A 113 -3.94 -5.09 -0.07
C VAL A 113 -4.33 -4.04 0.98
N ILE A 114 -3.69 -4.07 2.14
CA ILE A 114 -3.82 -3.00 3.11
C ILE A 114 -2.61 -2.08 2.95
N THR A 115 -2.91 -0.79 2.80
CA THR A 115 -1.97 0.19 2.29
C THR A 115 -1.82 1.33 3.27
N LYS A 116 -0.57 1.74 3.50
CA LYS A 116 -0.27 2.95 4.27
C LYS A 116 0.07 4.11 3.34
N VAL A 117 -0.58 5.25 3.56
CA VAL A 117 -0.33 6.47 2.79
C VAL A 117 0.20 7.53 3.75
N THR A 118 1.31 8.16 3.37
CA THR A 118 1.86 9.30 4.12
C THR A 118 1.97 10.51 3.19
N ASP A 119 2.05 11.70 3.79
CA ASP A 119 2.24 12.91 3.00
C ASP A 119 3.71 13.08 2.64
N SER A 120 4.58 12.48 3.46
CA SER A 120 6.03 12.58 3.29
C SER A 120 6.62 11.87 2.08
N TYR A 121 5.81 11.05 1.40
CA TYR A 121 6.24 10.38 0.16
C TYR A 121 5.02 10.14 -0.75
N PRO A 122 5.17 10.39 -2.07
CA PRO A 122 4.06 10.29 -3.03
C PRO A 122 3.51 8.89 -3.28
N GLU A 123 4.30 7.86 -2.97
CA GLU A 123 3.87 6.48 -3.20
C GLU A 123 3.51 5.80 -1.89
N PRO A 124 2.44 5.00 -1.91
CA PRO A 124 2.03 4.29 -0.71
C PRO A 124 2.95 3.10 -0.37
N THR A 125 2.79 2.57 0.83
CA THR A 125 3.46 1.35 1.26
C THR A 125 2.43 0.22 1.36
N GLN A 126 2.72 -0.92 0.75
CA GLN A 126 1.86 -2.10 0.92
C GLN A 126 2.29 -2.82 2.19
N LEU A 127 1.43 -2.79 3.20
CA LEU A 127 1.70 -3.46 4.47
C LEU A 127 1.42 -4.97 4.38
N LEU A 128 0.26 -5.33 3.83
CA LEU A 128 -0.20 -6.73 3.79
C LEU A 128 -0.82 -7.05 2.45
N MET A 129 -0.49 -8.22 1.91
CA MET A 129 -1.18 -8.69 0.72
C MET A 129 -1.70 -10.11 0.90
N GLY A 130 -2.93 -10.32 0.44
CA GLY A 130 -3.51 -11.64 0.40
C GLY A 130 -3.98 -11.85 -1.01
N THR A 131 -3.25 -12.68 -1.76
CA THR A 131 -3.60 -12.92 -3.15
C THR A 131 -3.84 -14.40 -3.43
N LYS A 132 -4.90 -14.68 -4.15
CA LYS A 132 -5.34 -16.05 -4.34
C LYS A 132 -5.72 -16.23 -5.79
N SER A 133 -5.11 -17.19 -6.46
CA SER A 133 -5.43 -17.49 -7.85
C SER A 133 -6.81 -18.13 -7.88
N VAL A 134 -7.64 -17.71 -8.84
CA VAL A 134 -9.01 -18.21 -8.94
C VAL A 134 -9.07 -19.41 -9.87
N SER A 135 -9.45 -20.55 -9.28
CA SER A 135 -9.56 -21.83 -9.96
C SER A 135 -10.61 -21.80 -11.07
N GLU A 136 -10.47 -22.61 -12.10
CA GLU A 136 -11.47 -22.53 -13.15
C GLU A 136 -12.80 -22.85 -12.49
N VAL A 137 -12.83 -23.92 -11.70
CA VAL A 137 -13.97 -24.22 -10.84
C VAL A 137 -15.29 -24.15 -11.58
N GLY A 138 -16.24 -23.46 -10.95
CA GLY A 138 -17.53 -23.15 -11.52
C GLY A 138 -17.77 -21.66 -11.33
N SER A 139 -18.28 -20.98 -12.37
CA SER A 139 -18.47 -19.55 -12.29
C SER A 139 -19.69 -19.27 -11.43
N ASN A 140 -19.62 -19.78 -10.20
CA ASN A 140 -20.52 -19.40 -9.12
C ASN A 140 -19.85 -19.68 -7.77
N TRP A 141 -18.77 -18.95 -7.50
CA TRP A 141 -17.91 -19.22 -6.36
C TRP A 141 -17.91 -18.06 -5.38
N PHE A 142 -17.56 -18.37 -4.13
CA PHE A 142 -17.24 -17.33 -3.14
C PHE A 142 -16.10 -17.72 -2.20
N GLN A 143 -15.31 -16.73 -1.83
CA GLN A 143 -14.10 -16.92 -1.04
C GLN A 143 -13.80 -15.73 -0.15
N PRO A 144 -13.44 -15.98 1.12
CA PRO A 144 -12.88 -14.90 1.91
C PRO A 144 -11.36 -14.82 1.77
N ILE A 145 -10.81 -13.62 1.98
CA ILE A 145 -9.37 -13.45 2.14
C ILE A 145 -9.18 -12.62 3.41
N TYR A 146 -8.42 -13.18 4.35
CA TYR A 146 -8.18 -12.56 5.65
C TYR A 146 -6.70 -12.19 5.85
N LEU A 147 -6.49 -10.98 6.35
CA LEU A 147 -5.17 -10.48 6.67
C LEU A 147 -5.19 -9.80 8.02
N GLY A 148 -4.12 -9.96 8.79
CA GLY A 148 -3.94 -9.25 10.04
C GLY A 148 -2.48 -9.30 10.48
N ALA A 149 -1.92 -8.16 10.85
CA ALA A 149 -0.54 -8.09 11.35
C ALA A 149 -0.29 -6.83 12.18
N MET A 150 0.91 -6.72 12.74
CA MET A 150 1.30 -5.58 13.57
C MET A 150 2.33 -4.66 12.88
N PHE A 151 2.04 -3.36 12.87
CA PHE A 151 2.90 -2.35 12.22
C PHE A 151 3.10 -1.11 13.07
N SER A 152 4.32 -0.57 13.01
CA SER A 152 4.64 0.71 13.63
C SER A 152 4.19 1.82 12.71
N LEU A 153 3.20 2.58 13.14
CA LEU A 153 2.66 3.66 12.33
C LEU A 153 2.87 5.01 13.01
N GLN A 154 2.73 6.08 12.23
CA GLN A 154 3.00 7.43 12.69
C GLN A 154 1.74 8.29 12.64
N GLU A 155 1.60 9.19 13.61
CA GLU A 155 0.53 10.18 13.62
C GLU A 155 0.43 10.84 12.27
N GLY A 156 -0.73 10.72 11.64
CA GLY A 156 -0.97 11.35 10.36
C GLY A 156 -1.08 10.36 9.21
N ASP A 157 -0.68 9.12 9.47
CA ASP A 157 -0.74 8.07 8.44
C ASP A 157 -2.16 7.70 8.12
N LYS A 158 -2.41 7.36 6.87
CA LYS A 158 -3.71 6.94 6.43
C LYS A 158 -3.66 5.47 6.01
N LEU A 159 -4.57 4.67 6.57
CA LEU A 159 -4.69 3.26 6.18
C LEU A 159 -5.90 3.03 5.32
N MET A 160 -5.73 2.29 4.24
CA MET A 160 -6.87 1.94 3.38
C MET A 160 -6.76 0.51 2.87
N VAL A 161 -7.88 -0.04 2.41
CA VAL A 161 -7.91 -1.40 1.90
C VAL A 161 -8.20 -1.35 0.41
N ASN A 162 -7.34 -1.97 -0.39
CA ASN A 162 -7.51 -2.04 -1.83
C ASN A 162 -7.80 -3.44 -2.31
N VAL A 163 -8.65 -3.55 -3.34
CA VAL A 163 -9.01 -4.84 -3.91
C VAL A 163 -8.68 -4.89 -5.40
N SER A 164 -8.55 -6.12 -5.92
CA SER A 164 -8.21 -6.31 -7.32
C SER A 164 -9.36 -5.94 -8.25
N ASP A 165 -10.59 -6.19 -7.79
CA ASP A 165 -11.78 -5.95 -8.58
C ASP A 165 -12.94 -5.66 -7.63
N ILE A 166 -13.38 -4.40 -7.63
CA ILE A 166 -14.43 -3.93 -6.73
C ILE A 166 -15.80 -4.62 -6.96
N SER A 167 -16.03 -5.06 -8.19
CA SER A 167 -17.30 -5.69 -8.55
C SER A 167 -17.38 -7.14 -8.07
N LEU A 168 -16.31 -7.62 -7.45
CA LEU A 168 -16.29 -8.98 -6.93
C LEU A 168 -16.47 -9.00 -5.42
N VAL A 169 -16.38 -7.82 -4.81
CA VAL A 169 -16.51 -7.68 -3.37
C VAL A 169 -17.95 -7.89 -2.90
N ASP A 170 -18.14 -8.82 -1.97
CA ASP A 170 -19.44 -9.06 -1.38
C ASP A 170 -19.66 -7.99 -0.33
N TYR A 171 -20.71 -7.20 -0.54
CA TYR A 171 -21.02 -6.06 0.31
C TYR A 171 -22.33 -6.27 1.07
N THR A 172 -22.93 -7.45 0.89
CA THR A 172 -24.30 -7.69 1.37
C THR A 172 -24.47 -7.67 2.89
N LYS A 173 -23.43 -8.06 3.62
CA LYS A 173 -23.51 -8.02 5.08
C LYS A 173 -22.20 -7.68 5.79
N GLU A 174 -22.34 -7.03 6.94
CA GLU A 174 -21.25 -6.45 7.72
C GLU A 174 -20.29 -7.46 8.37
N ASP A 175 -20.74 -8.70 8.52
CA ASP A 175 -19.91 -9.77 9.10
C ASP A 175 -18.99 -10.48 8.08
N LYS A 176 -19.13 -10.14 6.81
CA LYS A 176 -18.39 -10.83 5.75
C LYS A 176 -17.19 -10.05 5.21
N THR A 177 -17.31 -8.73 5.18
CA THR A 177 -16.24 -7.88 4.72
C THR A 177 -16.07 -6.73 5.68
N PHE A 178 -14.91 -6.69 6.32
CA PHE A 178 -14.64 -5.74 7.39
C PHE A 178 -13.17 -5.32 7.39
N PHE A 179 -12.85 -4.31 8.20
CA PHE A 179 -11.54 -3.68 8.24
C PHE A 179 -11.37 -3.01 9.59
N GLY A 180 -10.27 -3.29 10.28
CA GLY A 180 -10.07 -2.73 11.60
C GLY A 180 -8.64 -2.53 12.04
N ALA A 181 -8.46 -1.71 13.06
CA ALA A 181 -7.16 -1.39 13.62
C ALA A 181 -7.27 -0.94 15.07
N PHE A 182 -6.26 -1.28 15.87
CA PHE A 182 -6.17 -0.84 17.26
C PHE A 182 -4.73 -0.70 17.72
N LEU A 183 -4.47 0.36 18.47
CA LEU A 183 -3.16 0.59 19.06
C LEU A 183 -2.95 -0.42 20.16
N LEU A 184 -1.82 -1.13 20.09
CA LEU A 184 -1.48 -2.12 21.09
C LEU A 184 -1.04 -1.44 22.38
N THR B 6 11.66 23.59 -6.59
CA THR B 6 11.92 22.96 -5.26
C THR B 6 10.63 22.82 -4.46
N PRO B 7 10.23 21.57 -4.14
CA PRO B 7 9.12 21.32 -3.22
C PRO B 7 9.45 21.66 -1.76
N THR B 8 8.41 21.81 -0.95
CA THR B 8 8.54 22.27 0.42
C THR B 8 7.55 21.61 1.39
N TYR B 9 7.87 21.60 2.68
CA TYR B 9 6.98 21.02 3.70
C TYR B 9 6.91 21.77 5.02
N PRO B 10 5.70 21.88 5.61
CA PRO B 10 5.50 22.45 6.95
C PRO B 10 6.13 21.62 8.08
N TRP B 11 6.67 22.30 9.08
CA TRP B 11 7.32 21.66 10.24
C TRP B 11 7.36 22.59 11.45
N ARG B 12 7.29 22.03 12.65
CA ARG B 12 7.42 22.79 13.90
C ARG B 12 8.72 22.40 14.61
N ASP B 13 9.50 23.40 15.02
CA ASP B 13 10.85 23.21 15.56
C ASP B 13 10.93 22.38 16.84
N ALA B 14 11.94 21.52 16.92
CA ALA B 14 12.15 20.62 18.05
C ALA B 14 12.64 21.35 19.29
N GLU B 15 13.44 22.40 19.09
CA GLU B 15 13.97 23.22 20.18
C GLU B 15 12.87 24.10 20.78
N THR B 16 12.40 25.09 20.00
CA THR B 16 11.26 25.92 20.39
C THR B 16 10.31 26.02 19.19
N GLY B 17 9.12 25.45 19.36
CA GLY B 17 8.18 25.17 18.27
C GLY B 17 7.65 26.30 17.40
N GLU B 18 8.55 26.98 16.68
CA GLU B 18 8.17 27.98 15.69
C GLU B 18 7.90 27.28 14.36
N ARG B 19 6.67 27.39 13.87
CA ARG B 19 6.25 26.73 12.63
C ARG B 19 6.90 27.35 11.39
N LEU B 20 7.87 26.63 10.82
CA LEU B 20 8.61 27.08 9.64
C LEU B 20 8.44 26.14 8.45
N VAL B 21 8.53 26.69 7.24
CA VAL B 21 8.44 25.92 6.01
C VAL B 21 9.82 25.36 5.62
N CYS B 22 9.92 24.03 5.57
CA CYS B 22 11.20 23.34 5.34
C CYS B 22 11.38 22.85 3.90
N ALA B 23 12.64 22.62 3.54
CA ALA B 23 13.00 22.16 2.20
C ALA B 23 12.84 20.65 2.09
N GLN B 24 12.22 20.22 0.99
CA GLN B 24 12.12 18.81 0.61
C GLN B 24 13.50 18.25 0.22
N CYS B 25 13.69 16.95 0.41
CA CYS B 25 14.93 16.28 -0.01
C CYS B 25 14.76 15.64 -1.38
N PRO B 26 15.77 15.77 -2.26
CA PRO B 26 15.72 15.22 -3.62
C PRO B 26 15.80 13.68 -3.65
N PRO B 27 15.41 13.05 -4.79
CA PRO B 27 15.56 11.60 -4.95
C PRO B 27 16.99 11.16 -4.67
N GLY B 28 17.15 10.05 -3.94
CA GLY B 28 18.47 9.60 -3.51
C GLY B 28 18.77 10.01 -2.08
N THR B 29 18.00 10.97 -1.57
CA THR B 29 18.24 11.48 -0.21
C THR B 29 17.01 11.40 0.68
N PHE B 30 17.23 11.70 1.97
CA PHE B 30 16.18 11.70 2.98
C PHE B 30 16.48 12.76 4.05
N VAL B 31 15.44 13.20 4.76
CA VAL B 31 15.59 14.16 5.86
C VAL B 31 16.33 13.53 7.04
N GLN B 32 17.62 13.87 7.14
CA GLN B 32 18.46 13.42 8.23
C GLN B 32 18.27 14.32 9.45
N ARG B 33 18.20 15.62 9.20
CA ARG B 33 17.82 16.61 10.21
C ARG B 33 16.86 17.61 9.57
N PRO B 34 15.77 17.94 10.27
CA PRO B 34 14.81 18.90 9.72
C PRO B 34 15.35 20.32 9.79
N CYS B 35 14.80 21.21 8.96
CA CYS B 35 15.23 22.61 8.93
C CYS B 35 14.87 23.36 10.22
N ARG B 36 15.74 24.27 10.62
CA ARG B 36 15.56 25.06 11.83
C ARG B 36 15.36 26.53 11.42
N ARG B 37 15.16 27.41 12.41
CA ARG B 37 15.14 28.85 12.18
C ARG B 37 16.53 29.34 11.73
N ASP B 38 17.55 28.64 12.20
CA ASP B 38 18.94 28.89 11.83
C ASP B 38 19.27 28.32 10.45
N SER B 39 19.39 26.99 10.37
CA SER B 39 19.89 26.28 9.19
C SER B 39 18.77 25.63 8.35
N PRO B 40 19.04 25.33 7.05
CA PRO B 40 18.08 24.58 6.22
C PRO B 40 18.04 23.06 6.52
N THR B 41 17.27 22.33 5.72
CA THR B 41 17.07 20.88 5.90
C THR B 41 18.33 20.09 5.52
N THR B 42 18.78 19.23 6.42
CA THR B 42 19.87 18.32 6.12
C THR B 42 19.33 17.08 5.41
N CYS B 43 19.73 16.94 4.14
CA CYS B 43 19.44 15.74 3.37
C CYS B 43 20.68 14.84 3.38
N GLY B 44 20.52 13.65 3.94
CA GLY B 44 21.57 12.62 3.89
C GLY B 44 21.32 11.63 2.76
N PRO B 45 22.38 10.98 2.25
CA PRO B 45 22.23 10.00 1.17
C PRO B 45 21.57 8.70 1.64
N CYS B 46 20.75 8.09 0.79
CA CYS B 46 20.14 6.80 1.10
C CYS B 46 21.21 5.74 1.33
N PRO B 47 21.11 4.99 2.45
CA PRO B 47 22.05 3.92 2.79
C PRO B 47 21.94 2.71 1.83
N PRO B 48 22.88 1.73 1.91
CA PRO B 48 22.80 0.54 1.06
C PRO B 48 21.45 -0.15 1.05
N ARG B 49 21.02 -0.55 -0.14
CA ARG B 49 19.75 -1.21 -0.41
C ARG B 49 18.53 -0.44 -0.02
N HIS B 50 18.66 0.86 -0.05
CA HIS B 50 17.54 1.76 0.16
C HIS B 50 17.44 2.79 -0.95
N TYR B 51 16.27 3.39 -1.08
CA TYR B 51 16.00 4.34 -2.16
C TYR B 51 14.95 5.37 -1.76
N THR B 52 14.99 6.52 -2.43
CA THR B 52 13.88 7.46 -2.50
C THR B 52 13.81 7.90 -3.95
N GLN B 53 12.65 7.69 -4.58
CA GLN B 53 12.49 7.95 -6.01
C GLN B 53 12.04 9.38 -6.29
N PHE B 54 11.43 10.00 -5.29
CA PHE B 54 10.79 11.30 -5.48
C PHE B 54 11.26 12.30 -4.41
N TRP B 55 10.93 13.57 -4.65
CA TRP B 55 11.11 14.61 -3.64
C TRP B 55 10.26 14.27 -2.44
N ASN B 56 10.90 14.16 -1.29
CA ASN B 56 10.26 13.57 -0.12
C ASN B 56 10.66 14.27 1.16
N TYR B 57 9.95 13.96 2.25
CA TYR B 57 10.45 14.29 3.57
C TYR B 57 10.34 13.13 4.55
N LEU B 58 10.80 11.97 4.08
CA LEU B 58 10.93 10.80 4.94
C LEU B 58 12.14 10.98 5.83
N GLU B 59 12.05 10.43 7.03
CA GLU B 59 13.17 10.46 7.98
C GLU B 59 13.96 9.15 7.88
N ARG B 60 13.61 8.35 6.87
CA ARG B 60 14.16 7.03 6.66
C ARG B 60 13.88 6.64 5.21
N CYS B 61 14.91 6.20 4.49
CA CYS B 61 14.73 5.79 3.09
C CYS B 61 13.91 4.52 2.99
N ARG B 62 13.27 4.31 1.83
CA ARG B 62 12.53 3.08 1.57
C ARG B 62 13.44 1.91 1.24
N TYR B 63 13.12 0.75 1.81
CA TYR B 63 13.90 -0.47 1.58
C TYR B 63 13.62 -1.09 0.21
N CYS B 64 14.67 -1.60 -0.42
CA CYS B 64 14.51 -2.36 -1.66
C CYS B 64 13.96 -3.72 -1.29
N ASN B 65 12.66 -3.88 -1.44
CA ASN B 65 11.94 -5.01 -0.87
C ASN B 65 11.38 -6.01 -1.90
N VAL B 66 11.90 -5.94 -3.11
CA VAL B 66 11.48 -6.81 -4.20
C VAL B 66 12.60 -7.80 -4.53
N LEU B 67 12.35 -9.08 -4.27
CA LEU B 67 13.29 -10.14 -4.63
C LEU B 67 12.79 -10.85 -5.89
N CYS B 68 13.71 -11.16 -6.80
CA CYS B 68 13.34 -11.85 -8.02
C CYS B 68 13.21 -13.35 -7.76
N GLY B 69 12.12 -13.92 -8.26
CA GLY B 69 11.82 -15.32 -8.01
C GLY B 69 12.48 -16.27 -9.00
N GLU B 70 12.01 -17.52 -8.98
CA GLU B 70 12.33 -18.48 -10.03
C GLU B 70 11.61 -18.01 -11.30
N ARG B 71 12.22 -18.29 -12.44
CA ARG B 71 11.79 -17.80 -13.76
C ARG B 71 11.88 -16.27 -13.87
N GLU B 72 12.81 -15.65 -13.14
CA GLU B 72 12.89 -14.18 -13.06
C GLU B 72 14.30 -13.64 -12.98
N GLU B 73 14.50 -12.48 -13.60
CA GLU B 73 15.77 -11.76 -13.55
C GLU B 73 15.58 -10.28 -13.26
N GLU B 74 16.63 -9.64 -12.73
CA GLU B 74 16.63 -8.20 -12.48
C GLU B 74 16.43 -7.37 -13.73
N ALA B 75 15.23 -6.79 -13.86
CA ALA B 75 14.96 -5.81 -14.90
C ALA B 75 15.63 -4.49 -14.56
N ARG B 76 15.78 -4.22 -13.28
CA ARG B 76 16.31 -2.96 -12.80
C ARG B 76 16.91 -3.19 -11.40
N ALA B 77 18.14 -2.74 -11.19
CA ALA B 77 18.82 -2.97 -9.91
C ALA B 77 18.35 -1.99 -8.84
N CYS B 78 18.63 -2.31 -7.59
CA CYS B 78 18.31 -1.42 -6.49
C CYS B 78 19.29 -0.26 -6.49
N HIS B 79 18.80 0.91 -6.93
CA HIS B 79 19.58 2.14 -6.91
C HIS B 79 19.15 2.98 -5.70
N ALA B 80 19.83 4.09 -5.44
CA ALA B 80 19.39 5.01 -4.40
C ALA B 80 18.18 5.85 -4.83
N THR B 81 17.85 5.77 -6.11
CA THR B 81 16.74 6.55 -6.66
C THR B 81 15.60 5.68 -7.17
N HIS B 82 15.72 4.36 -7.11
CA HIS B 82 14.60 3.47 -7.45
C HIS B 82 14.72 2.09 -6.80
N ASN B 83 13.56 1.47 -6.59
CA ASN B 83 13.46 0.09 -6.15
C ASN B 83 13.96 -0.88 -7.23
N ARG B 84 14.28 -2.11 -6.81
CA ARG B 84 14.60 -3.20 -7.71
C ARG B 84 13.35 -3.63 -8.45
N ALA B 85 13.51 -4.04 -9.71
CA ALA B 85 12.39 -4.56 -10.50
C ALA B 85 12.80 -5.83 -11.20
N CYS B 86 11.82 -6.71 -11.41
CA CYS B 86 12.09 -8.01 -12.01
C CYS B 86 11.25 -8.22 -13.26
N ARG B 87 11.88 -8.75 -14.30
CA ARG B 87 11.19 -9.26 -15.48
C ARG B 87 11.39 -10.78 -15.47
N CYS B 88 10.73 -11.49 -16.38
CA CYS B 88 10.99 -12.91 -16.53
C CYS B 88 12.34 -13.16 -17.23
N ARG B 89 12.84 -14.38 -17.12
CA ARG B 89 14.04 -14.83 -17.84
C ARG B 89 13.73 -14.99 -19.33
N THR B 90 14.78 -15.23 -20.12
CA THR B 90 14.66 -15.35 -21.57
C THR B 90 13.69 -16.47 -22.00
N GLY B 91 13.66 -17.55 -21.24
CA GLY B 91 12.77 -18.67 -21.52
C GLY B 91 11.30 -18.45 -21.20
N PHE B 92 10.98 -17.37 -20.47
CA PHE B 92 9.61 -17.19 -19.99
C PHE B 92 8.99 -15.82 -20.27
N PHE B 93 7.65 -15.79 -20.24
CA PHE B 93 6.88 -14.53 -20.33
C PHE B 93 5.87 -14.44 -19.17
N ALA B 94 5.60 -13.20 -18.72
CA ALA B 94 4.70 -12.94 -17.59
C ALA B 94 3.23 -13.12 -17.94
N HIS B 95 2.48 -13.72 -17.01
CA HIS B 95 1.04 -13.87 -17.16
C HIS B 95 0.37 -14.06 -15.78
N ALA B 96 -0.51 -13.12 -15.43
CA ALA B 96 -1.28 -13.12 -14.18
C ALA B 96 -0.46 -13.04 -12.87
N GLY B 97 0.86 -13.01 -12.98
CA GLY B 97 1.76 -13.02 -11.83
C GLY B 97 2.72 -14.20 -11.86
N PHE B 98 2.52 -15.10 -12.83
CA PHE B 98 3.39 -16.26 -13.02
C PHE B 98 4.22 -16.09 -14.29
N CYS B 99 5.54 -16.18 -14.16
CA CYS B 99 6.43 -16.22 -15.32
C CYS B 99 6.49 -17.63 -15.89
N LEU B 100 5.95 -17.81 -17.10
CA LEU B 100 5.82 -19.14 -17.70
C LEU B 100 6.34 -19.20 -19.14
N GLU B 101 6.62 -20.42 -19.60
CA GLU B 101 7.26 -20.69 -20.91
C GLU B 101 6.41 -20.32 -22.13
N HIS B 102 7.09 -20.00 -23.22
CA HIS B 102 6.47 -19.76 -24.52
C HIS B 102 6.92 -20.83 -25.52
N ALA B 103 5.96 -21.51 -26.14
CA ALA B 103 6.25 -22.69 -26.97
C ALA B 103 6.51 -22.39 -28.45
N SER B 104 7.78 -22.30 -28.82
CA SER B 104 8.20 -22.21 -30.22
C SER B 104 8.05 -23.58 -30.88
N CYS B 105 7.94 -23.60 -32.21
CA CYS B 105 7.70 -24.83 -32.96
C CYS B 105 8.92 -25.73 -33.02
N GLY B 115 9.36 -15.04 -27.79
CA GLY B 115 8.57 -14.82 -26.58
C GLY B 115 9.25 -13.87 -25.62
N THR B 116 9.01 -12.58 -25.81
CA THR B 116 9.56 -11.51 -24.97
C THR B 116 9.07 -11.60 -23.51
N PRO B 117 9.91 -11.19 -22.51
CA PRO B 117 9.51 -11.12 -21.10
C PRO B 117 8.14 -10.48 -20.80
N SER B 118 7.63 -9.68 -21.73
CA SER B 118 6.32 -9.07 -21.60
C SER B 118 5.22 -9.85 -22.33
N GLN B 119 5.56 -10.45 -23.48
CA GLN B 119 4.54 -11.03 -24.36
C GLN B 119 4.88 -12.41 -24.95
N ASN B 120 3.83 -13.18 -25.21
CA ASN B 120 3.93 -14.50 -25.83
C ASN B 120 4.00 -14.39 -27.36
N THR B 121 5.14 -14.75 -27.94
CA THR B 121 5.28 -14.81 -29.40
C THR B 121 4.80 -16.16 -29.92
N GLN B 122 4.20 -16.14 -31.11
CA GLN B 122 3.50 -17.31 -31.64
C GLN B 122 4.22 -18.03 -32.80
N CYS B 123 3.80 -19.28 -33.06
CA CYS B 123 4.38 -20.13 -34.09
C CYS B 123 4.18 -19.59 -35.51
#